data_8OWV
#
_entry.id   8OWV
#
_cell.length_a   57.775
_cell.length_b   59.438
_cell.length_c   145.624
_cell.angle_alpha   90.000
_cell.angle_beta   90.000
_cell.angle_gamma   90.000
#
_symmetry.space_group_name_H-M   'P 21 21 21'
#
loop_
_entity.id
_entity.type
_entity.pdbx_description
1 polymer 'Spike protein S1'
2 polymer F2
3 polymer H6
4 non-polymer 2-acetamido-2-deoxy-beta-D-glucopyranose
5 non-polymer GLYCEROL
6 water water
#
loop_
_entity_poly.entity_id
_entity_poly.type
_entity_poly.pdbx_seq_one_letter_code
_entity_poly.pdbx_strand_id
1 'polypeptide(L)'
;NITNLCPFGEVFNATRFASVYAWNRKRISNCVADYSVLYNSASFSTFKCYGVSPTKLNDLCFTNVYADSFVIRGDEVRQI
APGQTGVIADYNYKLPDDFTGCVIAWNSNNLDSKVGGNYNYLYRLFRKSNLKPFERDISTEIYQAGSTPCNGVKGFNCYF
PLQSYGFQPTYGVGYQPYRVVVLSFELLHAPATVCGPKKSTNKHHHHHH
;
EEE
2 'polypeptide(L)'
;QVQLVESGGGLVQAGGSLRLACIASGRTFHSYVMAWFRQAPGKEREFVAAISWSSTPTYYGESVKGRFTISRDNAKNTVY
LQMNRLKPEDTAVYFCAADRGESYYYTRPTEYEFWGQGTQVTVSSKHHHHHH
;
BBB
3 'polypeptide(L)'
;QVQLVESGGGLVQPGGSLTLSCVASESSLAPYRVAWFRQAPGKEREGVSCISRDAHPTSTYYTASVKGRFTMSRDNAKNT
VYLQMNSLKPSDTAVYYCATDLGGYCSDSNYPRAWWGQGTQVTVSSKHHHHHH
;
FFF
#
# COMPACT_ATOMS: atom_id res chain seq x y z
N ASN A 1 8.19 20.15 40.76
CA ASN A 1 7.47 19.52 39.61
C ASN A 1 8.32 18.39 39.04
N ILE A 2 7.71 17.22 38.79
CA ILE A 2 8.28 16.05 38.05
C ILE A 2 7.51 15.91 36.73
N THR A 3 8.20 16.07 35.59
CA THR A 3 7.64 15.85 34.22
C THR A 3 8.24 14.55 33.66
N ASN A 4 7.58 13.42 33.91
CA ASN A 4 7.94 12.13 33.28
C ASN A 4 7.58 12.23 31.81
N LEU A 5 8.57 12.47 30.94
CA LEU A 5 8.36 12.49 29.48
C LEU A 5 8.23 11.07 28.97
N CYS A 6 7.22 10.79 28.15
CA CYS A 6 7.03 9.48 27.49
C CYS A 6 8.30 9.12 26.72
N PRO A 7 8.82 7.88 26.84
CA PRO A 7 10.09 7.51 26.22
C PRO A 7 10.02 7.20 24.71
N PHE A 8 9.68 8.20 23.90
CA PHE A 8 9.58 8.07 22.42
C PHE A 8 10.97 7.79 21.82
N GLY A 9 12.04 8.30 22.44
CA GLY A 9 13.43 7.99 22.05
C GLY A 9 13.67 6.50 21.98
N GLU A 10 13.18 5.75 22.98
CA GLU A 10 13.45 4.30 23.08
C GLU A 10 12.77 3.58 21.91
N VAL A 11 11.67 4.14 21.40
CA VAL A 11 10.90 3.56 20.26
C VAL A 11 11.58 3.92 18.94
N PHE A 12 11.73 5.22 18.66
CA PHE A 12 12.18 5.71 17.34
C PHE A 12 13.67 5.40 17.13
N ASN A 13 14.49 5.47 18.19
CA ASN A 13 15.97 5.38 18.10
C ASN A 13 16.44 3.99 18.52
N ALA A 14 15.55 3.00 18.72
CA ALA A 14 15.97 1.63 19.05
C ALA A 14 17.02 1.19 18.00
N THR A 15 18.11 0.56 18.43
CA THR A 15 19.15 0.03 17.51
C THR A 15 18.56 -1.12 16.69
N ARG A 16 17.78 -2.00 17.33
CA ARG A 16 17.16 -3.20 16.71
C ARG A 16 15.66 -2.98 16.60
N PHE A 17 15.07 -3.27 15.44
CA PHE A 17 13.60 -3.33 15.25
C PHE A 17 13.18 -4.78 15.07
N ALA A 18 11.93 -5.11 15.44
CA ALA A 18 11.34 -6.45 15.31
C ALA A 18 11.06 -6.79 13.84
N SER A 19 11.10 -8.07 13.50
CA SER A 19 10.39 -8.65 12.34
C SER A 19 8.90 -8.36 12.52
N VAL A 20 8.22 -8.00 11.45
CA VAL A 20 6.78 -7.62 11.47
C VAL A 20 5.92 -8.76 12.05
N TYR A 21 6.24 -10.03 11.80
CA TYR A 21 5.44 -11.18 12.28
C TYR A 21 5.52 -11.21 13.81
N ALA A 22 6.67 -10.81 14.37
CA ALA A 22 6.93 -10.77 15.81
C ALA A 22 6.94 -9.30 16.27
N TRP A 23 6.05 -8.48 15.74
CA TRP A 23 6.01 -7.00 15.97
C TRP A 23 6.07 -6.68 17.46
N ASN A 24 6.83 -5.63 17.79
CA ASN A 24 7.11 -5.23 19.17
C ASN A 24 6.01 -4.28 19.65
N ARG A 25 5.58 -4.41 20.91
CA ARG A 25 4.61 -3.46 21.54
C ARG A 25 5.23 -2.90 22.82
N LYS A 26 5.28 -1.57 22.91
CA LYS A 26 5.71 -0.83 24.12
C LYS A 26 4.53 -0.01 24.64
N ARG A 27 4.14 -0.24 25.88
CA ARG A 27 3.07 0.55 26.53
C ARG A 27 3.64 1.94 26.84
N ILE A 28 2.87 2.98 26.53
CA ILE A 28 3.22 4.40 26.86
C ILE A 28 2.12 4.89 27.81
N SER A 29 2.44 5.10 29.08
CA SER A 29 1.42 5.51 30.08
C SER A 29 2.06 6.32 31.22
N ASN A 30 1.21 7.09 31.92
CA ASN A 30 1.58 7.91 33.11
C ASN A 30 2.79 8.76 32.72
N CYS A 31 2.68 9.50 31.62
CA CYS A 31 3.80 10.33 31.13
C CYS A 31 3.26 11.47 30.28
N VAL A 32 4.09 12.50 30.10
CA VAL A 32 3.83 13.66 29.20
C VAL A 32 4.36 13.29 27.83
N ALA A 33 3.50 13.29 26.82
CA ALA A 33 3.85 12.98 25.42
C ALA A 33 4.21 14.29 24.72
N ASP A 34 5.49 14.50 24.41
CA ASP A 34 5.94 15.73 23.70
C ASP A 34 6.38 15.34 22.30
N TYR A 35 5.50 15.56 21.32
CA TYR A 35 5.71 15.15 19.91
C TYR A 35 6.58 16.19 19.20
N SER A 36 6.88 17.34 19.83
CA SER A 36 7.62 18.44 19.19
C SER A 36 9.01 17.94 18.79
N VAL A 37 9.47 16.84 19.41
CA VAL A 37 10.74 16.14 19.09
C VAL A 37 10.74 15.73 17.61
N LEU A 38 9.58 15.46 17.00
CA LEU A 38 9.49 15.00 15.58
C LEU A 38 9.32 16.18 14.59
N TYR A 39 9.03 17.40 15.06
CA TYR A 39 8.55 18.51 14.19
C TYR A 39 9.56 18.86 13.11
N ASN A 40 10.85 18.90 13.48
CA ASN A 40 11.98 19.30 12.60
C ASN A 40 12.57 18.10 11.85
N SER A 41 11.84 16.98 11.78
CA SER A 41 12.24 15.79 10.97
C SER A 41 11.55 15.83 9.60
N ALA A 42 12.24 15.38 8.55
CA ALA A 42 11.73 15.46 7.17
C ALA A 42 11.96 14.17 6.39
N SER A 43 12.68 13.17 6.95
CA SER A 43 13.00 11.92 6.24
C SER A 43 11.99 10.80 6.59
N PHE A 44 10.98 11.04 7.44
CA PHE A 44 9.82 10.12 7.52
C PHE A 44 9.18 10.10 6.14
N SER A 45 8.91 8.91 5.62
CA SER A 45 8.29 8.69 4.28
C SER A 45 6.78 8.94 4.37
N THR A 46 6.20 8.69 5.54
CA THR A 46 4.77 8.89 5.82
C THR A 46 4.64 9.24 7.30
N PHE A 47 3.67 10.08 7.63
CA PHE A 47 3.36 10.45 9.03
C PHE A 47 1.89 10.84 9.02
N LYS A 48 1.00 9.87 9.25
CA LYS A 48 -0.46 10.12 9.13
C LYS A 48 -1.13 9.80 10.47
N CYS A 49 -2.11 10.60 10.85
CA CYS A 49 -2.89 10.31 12.06
C CYS A 49 -4.34 10.09 11.64
N TYR A 50 -5.02 9.30 12.44
CA TYR A 50 -6.41 8.84 12.19
C TYR A 50 -7.22 9.20 13.44
N GLY A 51 -8.28 9.99 13.29
CA GLY A 51 -9.17 10.41 14.39
C GLY A 51 -8.60 11.58 15.19
N VAL A 52 -7.36 12.00 14.90
CA VAL A 52 -6.72 13.15 15.59
C VAL A 52 -5.84 13.85 14.55
N SER A 53 -5.75 15.17 14.62
CA SER A 53 -4.86 15.97 13.73
C SER A 53 -3.44 15.88 14.26
N PRO A 54 -2.42 15.65 13.39
CA PRO A 54 -1.03 15.76 13.81
C PRO A 54 -0.73 17.08 14.52
N THR A 55 -1.47 18.15 14.20
CA THR A 55 -1.26 19.52 14.73
C THR A 55 -1.71 19.61 16.19
N LYS A 56 -2.48 18.65 16.68
CA LYS A 56 -3.10 18.70 18.02
C LYS A 56 -2.49 17.63 18.94
N LEU A 57 -1.46 16.92 18.51
CA LEU A 57 -0.90 15.78 19.28
C LEU A 57 -0.40 16.26 20.65
N ASN A 58 0.15 17.49 20.75
CA ASN A 58 0.62 18.01 22.04
C ASN A 58 -0.54 18.61 22.85
N ASP A 59 -1.77 18.59 22.35
CA ASP A 59 -2.93 19.25 23.00
C ASP A 59 -3.98 18.21 23.44
N LEU A 60 -3.69 16.91 23.39
CA LEU A 60 -4.71 15.85 23.62
C LEU A 60 -4.23 14.94 24.76
N CYS A 61 -5.20 14.39 25.50
CA CYS A 61 -5.02 13.35 26.54
C CYS A 61 -5.67 12.02 26.10
N PHE A 62 -5.05 10.91 26.49
CA PHE A 62 -5.49 9.53 26.17
C PHE A 62 -5.45 8.70 27.44
N THR A 63 -6.30 7.66 27.48
CA THR A 63 -6.41 6.77 28.65
C THR A 63 -5.25 5.76 28.58
N ASN A 64 -4.72 5.52 27.39
CA ASN A 64 -3.58 4.60 27.16
C ASN A 64 -3.00 4.84 25.77
N VAL A 65 -1.70 4.62 25.61
CA VAL A 65 -1.01 4.68 24.30
C VAL A 65 -0.16 3.43 24.15
N TYR A 66 -0.16 2.84 22.97
CA TYR A 66 0.81 1.79 22.61
C TYR A 66 1.63 2.28 21.44
N ALA A 67 2.91 1.92 21.45
CA ALA A 67 3.88 2.16 20.36
C ALA A 67 4.31 0.79 19.84
N ASP A 68 3.80 0.42 18.67
CA ASP A 68 4.15 -0.84 17.97
C ASP A 68 5.20 -0.51 16.90
N SER A 69 6.18 -1.37 16.75
CA SER A 69 7.26 -1.12 15.77
C SER A 69 7.78 -2.42 15.16
N PHE A 70 8.26 -2.28 13.93
CA PHE A 70 8.67 -3.41 13.07
C PHE A 70 9.21 -2.85 11.76
N VAL A 71 9.77 -3.77 10.97
CA VAL A 71 10.29 -3.49 9.62
C VAL A 71 9.46 -4.27 8.60
N ILE A 72 9.11 -3.58 7.52
CA ILE A 72 8.54 -4.18 6.28
C ILE A 72 9.26 -3.54 5.09
N ARG A 73 8.88 -3.93 3.88
CA ARG A 73 9.45 -3.29 2.67
C ARG A 73 8.57 -2.10 2.31
N GLY A 74 9.17 -1.15 1.58
CA GLY A 74 8.55 0.15 1.29
C GLY A 74 7.14 0.04 0.70
N ASP A 75 6.92 -0.82 -0.30
CA ASP A 75 5.60 -0.85 -1.01
CA ASP A 75 5.62 -0.92 -1.03
C ASP A 75 4.54 -1.57 -0.14
N GLU A 76 4.90 -2.07 1.05
CA GLU A 76 3.95 -2.64 2.03
C GLU A 76 3.51 -1.60 3.05
N VAL A 77 4.15 -0.43 3.13
CA VAL A 77 3.78 0.57 4.17
C VAL A 77 2.31 0.99 3.99
N ARG A 78 1.81 1.05 2.76
CA ARG A 78 0.38 1.38 2.45
C ARG A 78 -0.59 0.44 3.20
N GLN A 79 -0.18 -0.77 3.57
CA GLN A 79 -1.02 -1.76 4.30
C GLN A 79 -1.14 -1.41 5.80
N ILE A 80 -0.29 -0.53 6.33
CA ILE A 80 -0.35 -0.10 7.76
C ILE A 80 -1.28 1.11 7.83
N ALA A 81 -2.56 0.85 7.60
CA ALA A 81 -3.65 1.83 7.53
C ALA A 81 -4.94 1.08 7.80
N PRO A 82 -5.99 1.78 8.24
CA PRO A 82 -7.30 1.14 8.42
C PRO A 82 -7.84 0.62 7.08
N GLY A 83 -8.39 -0.59 7.12
CA GLY A 83 -9.22 -1.12 6.02
C GLY A 83 -8.38 -1.67 4.88
N GLN A 84 -7.15 -2.04 5.15
CA GLN A 84 -6.24 -2.56 4.10
C GLN A 84 -6.27 -4.09 4.00
N THR A 85 -5.79 -4.60 2.88
CA THR A 85 -5.52 -6.04 2.66
C THR A 85 -4.11 -6.19 2.04
N GLY A 86 -3.65 -7.43 1.95
CA GLY A 86 -2.30 -7.78 1.47
C GLY A 86 -1.62 -8.68 2.49
N VAL A 87 -0.43 -9.17 2.17
CA VAL A 87 0.24 -10.19 3.01
C VAL A 87 0.51 -9.64 4.42
N ILE A 88 0.83 -8.35 4.55
CA ILE A 88 1.13 -7.74 5.89
C ILE A 88 -0.17 -7.53 6.68
N ALA A 89 -1.18 -6.86 6.14
CA ALA A 89 -2.43 -6.57 6.88
C ALA A 89 -3.13 -7.89 7.22
N ASP A 90 -3.10 -8.87 6.32
CA ASP A 90 -3.85 -10.14 6.50
C ASP A 90 -3.12 -11.05 7.49
N TYR A 91 -1.79 -11.20 7.38
CA TYR A 91 -1.06 -12.31 8.06
C TYR A 91 -0.05 -11.85 9.13
N ASN A 92 0.24 -10.56 9.24
CA ASN A 92 1.38 -10.08 10.09
C ASN A 92 0.98 -9.00 11.09
N TYR A 93 0.41 -7.87 10.62
CA TYR A 93 0.05 -6.73 11.49
C TYR A 93 -1.22 -6.06 10.95
N LYS A 94 -2.28 -6.10 11.74
CA LYS A 94 -3.63 -5.66 11.29
C LYS A 94 -4.08 -4.47 12.13
N LEU A 95 -4.27 -3.32 11.49
CA LEU A 95 -4.88 -2.14 12.15
C LEU A 95 -6.39 -2.32 12.11
N PRO A 96 -7.08 -1.79 13.13
CA PRO A 96 -8.54 -1.80 13.13
C PRO A 96 -9.13 -0.90 12.03
N ASP A 97 -10.36 -1.22 11.61
CA ASP A 97 -11.12 -0.42 10.62
C ASP A 97 -11.31 1.02 11.13
N ASP A 98 -11.42 1.21 12.46
CA ASP A 98 -11.73 2.53 13.09
C ASP A 98 -10.51 3.03 13.89
N PHE A 99 -9.31 2.69 13.44
CA PHE A 99 -8.01 3.01 14.09
C PHE A 99 -7.97 4.49 14.52
N THR A 100 -7.65 4.70 15.79
CA THR A 100 -7.33 6.04 16.35
C THR A 100 -5.84 6.03 16.72
N GLY A 101 -5.06 6.88 16.07
CA GLY A 101 -3.61 6.93 16.30
C GLY A 101 -2.85 7.38 15.08
N CYS A 102 -1.55 7.12 15.05
CA CYS A 102 -0.65 7.65 14.00
C CYS A 102 0.25 6.51 13.51
N VAL A 103 0.60 6.58 12.24
CA VAL A 103 1.51 5.61 11.57
C VAL A 103 2.65 6.44 10.98
N ILE A 104 3.88 6.14 11.38
CA ILE A 104 5.10 6.87 10.94
C ILE A 104 6.05 5.82 10.40
N ALA A 105 6.65 6.07 9.24
CA ALA A 105 7.67 5.19 8.66
C ALA A 105 8.83 6.00 8.09
N TRP A 106 9.94 5.30 7.89
CA TRP A 106 11.16 5.90 7.29
C TRP A 106 12.00 4.78 6.68
N ASN A 107 12.66 5.15 5.59
CA ASN A 107 13.55 4.22 4.85
C ASN A 107 14.73 3.90 5.77
N SER A 108 15.01 2.61 5.97
CA SER A 108 16.11 2.14 6.83
C SER A 108 17.12 1.33 6.00
N ASN A 109 17.16 1.52 4.68
CA ASN A 109 18.12 0.81 3.78
C ASN A 109 19.53 0.84 4.37
N ASN A 110 19.97 1.99 4.87
CA ASN A 110 21.38 2.16 5.32
C ASN A 110 21.64 1.19 6.48
N LEU A 111 20.73 1.11 7.47
CA LEU A 111 20.96 0.27 8.68
C LEU A 111 20.53 -1.19 8.45
N ASP A 112 19.54 -1.43 7.61
CA ASP A 112 18.83 -2.74 7.63
C ASP A 112 19.14 -3.58 6.39
N SER A 113 19.74 -3.03 5.34
CA SER A 113 20.16 -3.82 4.15
CA SER A 113 20.16 -3.81 4.15
C SER A 113 21.63 -4.20 4.28
N LYS A 114 21.99 -5.36 3.75
CA LYS A 114 23.41 -5.83 3.73
C LYS A 114 23.74 -6.34 2.33
N VAL A 115 24.97 -6.11 1.89
CA VAL A 115 25.49 -6.78 0.66
C VAL A 115 25.32 -8.28 0.87
N GLY A 116 24.69 -8.96 -0.10
CA GLY A 116 24.38 -10.40 -0.01
C GLY A 116 22.97 -10.64 0.50
N GLY A 117 22.43 -9.70 1.29
CA GLY A 117 21.06 -9.76 1.82
C GLY A 117 21.05 -9.87 3.33
N ASN A 118 20.22 -9.10 4.01
CA ASN A 118 19.92 -9.27 5.46
C ASN A 118 18.81 -10.31 5.59
N TYR A 119 19.08 -11.46 6.21
CA TYR A 119 18.05 -12.53 6.40
C TYR A 119 17.50 -12.50 7.82
N ASN A 120 17.82 -11.47 8.63
CA ASN A 120 17.31 -11.35 10.02
C ASN A 120 15.83 -10.96 10.01
N TYR A 121 15.36 -10.23 9.00
CA TYR A 121 13.96 -9.73 8.97
C TYR A 121 13.07 -10.70 8.20
N LEU A 122 12.01 -11.15 8.89
CA LEU A 122 11.06 -12.16 8.40
C LEU A 122 9.67 -11.54 8.37
N TYR A 123 8.81 -12.12 7.54
CA TYR A 123 7.36 -11.89 7.54
C TYR A 123 6.70 -13.26 7.34
N ARG A 124 5.42 -13.35 7.72
CA ARG A 124 4.56 -14.54 7.49
C ARG A 124 3.96 -14.44 6.08
N LEU A 125 4.29 -15.40 5.23
CA LEU A 125 3.76 -15.48 3.83
C LEU A 125 2.50 -16.34 3.78
N PHE A 126 2.35 -17.30 4.69
CA PHE A 126 1.22 -18.28 4.69
C PHE A 126 0.49 -18.26 6.03
N ARG A 127 -0.84 -18.28 5.97
CA ARG A 127 -1.71 -18.41 7.17
C ARG A 127 -3.09 -18.92 6.75
N LYS A 128 -3.73 -19.69 7.61
CA LYS A 128 -5.04 -20.32 7.30
C LYS A 128 -6.15 -19.28 7.40
N SER A 129 -5.93 -18.18 8.12
CA SER A 129 -6.96 -17.14 8.37
C SER A 129 -6.29 -15.78 8.60
N ASN A 130 -7.06 -14.70 8.52
CA ASN A 130 -6.55 -13.31 8.70
C ASN A 130 -6.42 -13.01 10.19
N LEU A 131 -5.47 -12.15 10.53
CA LEU A 131 -5.29 -11.67 11.93
C LEU A 131 -6.48 -10.78 12.27
N LYS A 132 -6.90 -10.83 13.52
CA LYS A 132 -7.78 -9.81 14.12
C LYS A 132 -6.91 -8.59 14.40
N PRO A 133 -7.52 -7.40 14.58
CA PRO A 133 -6.73 -6.20 14.81
C PRO A 133 -5.85 -6.35 16.06
N PHE A 134 -4.57 -5.98 15.93
CA PHE A 134 -3.54 -6.02 16.98
C PHE A 134 -3.25 -7.44 17.43
N GLU A 135 -3.63 -8.45 16.64
CA GLU A 135 -3.26 -9.86 16.93
C GLU A 135 -1.82 -10.10 16.50
N ARG A 136 -1.09 -10.95 17.23
CA ARG A 136 0.29 -11.35 16.84
C ARG A 136 0.32 -12.87 16.76
N ASP A 137 0.94 -13.39 15.71
CA ASP A 137 1.11 -14.85 15.50
C ASP A 137 2.61 -15.08 15.34
N ILE A 138 3.23 -15.77 16.29
CA ILE A 138 4.69 -16.09 16.20
C ILE A 138 4.88 -17.60 16.07
N SER A 139 3.85 -18.32 15.62
CA SER A 139 3.88 -19.80 15.47
C SER A 139 4.72 -20.13 14.23
N THR A 140 5.37 -21.30 14.23
CA THR A 140 6.29 -21.74 13.17
C THR A 140 5.86 -23.12 12.63
N GLU A 141 4.57 -23.38 12.58
CA GLU A 141 4.02 -24.68 12.10
C GLU A 141 4.11 -24.70 10.57
N ILE A 142 4.45 -25.84 9.99
CA ILE A 142 4.63 -25.98 8.51
C ILE A 142 3.26 -25.84 7.87
N TYR A 143 3.14 -25.05 6.80
CA TYR A 143 1.86 -24.73 6.14
C TYR A 143 1.59 -25.73 5.02
N GLN A 144 0.41 -26.35 5.03
CA GLN A 144 -0.05 -27.28 3.97
C GLN A 144 -0.63 -26.46 2.81
N ALA A 145 0.05 -26.40 1.68
CA ALA A 145 -0.37 -25.63 0.49
C ALA A 145 -1.00 -26.56 -0.57
N GLY A 146 -0.83 -27.88 -0.41
CA GLY A 146 -1.28 -28.95 -1.34
C GLY A 146 -2.25 -29.89 -0.65
N SER A 147 -2.48 -31.07 -1.22
CA SER A 147 -3.46 -32.08 -0.72
C SER A 147 -2.80 -33.02 0.30
N THR A 148 -1.46 -33.09 0.35
CA THR A 148 -0.70 -34.09 1.15
C THR A 148 -0.30 -33.53 2.52
N PRO A 149 -0.41 -34.32 3.62
CA PRO A 149 -0.01 -33.88 4.96
C PRO A 149 1.49 -33.60 5.09
N CYS A 150 1.89 -32.67 5.96
CA CYS A 150 3.29 -32.20 6.10
C CYS A 150 4.01 -32.93 7.25
N ASN A 151 3.29 -33.35 8.29
CA ASN A 151 3.84 -34.08 9.48
C ASN A 151 4.93 -33.23 10.15
N GLY A 152 4.75 -31.91 10.17
CA GLY A 152 5.69 -30.94 10.76
C GLY A 152 7.04 -30.87 10.04
N VAL A 153 7.11 -31.27 8.76
CA VAL A 153 8.38 -31.23 7.96
C VAL A 153 8.16 -30.47 6.65
N LYS A 154 9.15 -29.66 6.26
CA LYS A 154 9.18 -28.92 4.95
C LYS A 154 9.18 -29.96 3.82
N GLY A 155 8.72 -29.54 2.63
CA GLY A 155 8.73 -30.39 1.42
C GLY A 155 7.82 -29.81 0.35
N PHE A 156 7.49 -30.62 -0.66
CA PHE A 156 6.58 -30.25 -1.77
C PHE A 156 5.25 -29.77 -1.21
N ASN A 157 4.88 -28.53 -1.52
CA ASN A 157 3.59 -27.88 -1.15
C ASN A 157 3.44 -27.84 0.38
N CYS A 158 4.56 -27.95 1.10
CA CYS A 158 4.65 -27.92 2.58
C CYS A 158 5.74 -26.90 2.96
N TYR A 159 5.33 -25.68 3.31
CA TYR A 159 6.23 -24.49 3.38
C TYR A 159 6.39 -24.01 4.83
N PHE A 160 7.63 -23.71 5.23
CA PHE A 160 7.90 -22.94 6.47
C PHE A 160 7.10 -21.65 6.31
N PRO A 161 6.29 -21.24 7.30
CA PRO A 161 5.36 -20.12 7.11
C PRO A 161 6.02 -18.74 7.06
N LEU A 162 7.20 -18.59 7.67
CA LEU A 162 7.98 -17.30 7.69
C LEU A 162 8.98 -17.30 6.54
N GLN A 163 9.14 -16.14 5.89
CA GLN A 163 10.04 -15.94 4.74
C GLN A 163 10.85 -14.67 4.99
N SER A 164 12.10 -14.64 4.51
CA SER A 164 13.02 -13.50 4.75
CA SER A 164 13.03 -13.51 4.74
C SER A 164 12.85 -12.47 3.63
N TYR A 165 12.98 -11.20 3.97
CA TYR A 165 13.03 -10.08 3.00
C TYR A 165 14.37 -10.09 2.24
N GLY A 166 15.46 -10.63 2.82
CA GLY A 166 16.81 -10.63 2.21
C GLY A 166 17.28 -9.25 1.75
N PHE A 167 17.01 -8.18 2.52
CA PHE A 167 17.21 -6.77 2.09
C PHE A 167 18.65 -6.55 1.58
N GLN A 168 18.79 -6.07 0.34
CA GLN A 168 20.10 -5.68 -0.26
C GLN A 168 20.08 -4.19 -0.60
N PRO A 169 21.22 -3.46 -0.46
CA PRO A 169 21.23 -2.01 -0.62
C PRO A 169 20.81 -1.53 -2.03
N THR A 170 20.99 -2.36 -3.06
CA THR A 170 20.62 -2.02 -4.45
C THR A 170 19.22 -2.53 -4.82
N TYR A 171 18.42 -3.01 -3.86
CA TYR A 171 16.97 -3.23 -4.06
C TYR A 171 16.34 -1.92 -4.55
N GLY A 172 15.37 -2.02 -5.45
CA GLY A 172 14.42 -0.92 -5.77
C GLY A 172 13.89 -0.32 -4.48
N VAL A 173 13.57 0.98 -4.49
CA VAL A 173 13.10 1.73 -3.30
C VAL A 173 11.88 1.02 -2.70
N GLY A 174 11.01 0.44 -3.53
CA GLY A 174 9.79 -0.29 -3.08
C GLY A 174 10.09 -1.59 -2.32
N TYR A 175 11.30 -2.13 -2.44
CA TYR A 175 11.71 -3.41 -1.80
C TYR A 175 12.70 -3.15 -0.66
N GLN A 176 13.11 -1.89 -0.47
CA GLN A 176 14.01 -1.52 0.64
C GLN A 176 13.25 -1.60 1.96
N PRO A 177 13.99 -1.84 3.08
CA PRO A 177 13.38 -1.89 4.40
C PRO A 177 12.95 -0.48 4.85
N TYR A 178 11.78 -0.44 5.50
CA TYR A 178 11.23 0.75 6.17
C TYR A 178 10.94 0.34 7.61
N ARG A 179 11.41 1.15 8.56
CA ARG A 179 11.04 1.05 9.98
C ARG A 179 9.68 1.75 10.14
N VAL A 180 8.79 1.12 10.89
CA VAL A 180 7.39 1.59 11.12
C VAL A 180 7.15 1.70 12.62
N VAL A 181 6.53 2.81 13.02
CA VAL A 181 6.05 3.02 14.42
C VAL A 181 4.54 3.30 14.30
N VAL A 182 3.75 2.51 15.01
CA VAL A 182 2.29 2.76 15.09
C VAL A 182 1.98 3.19 16.52
N LEU A 183 1.47 4.40 16.68
CA LEU A 183 1.00 4.94 17.98
C LEU A 183 -0.52 4.77 18.02
N SER A 184 -0.99 3.90 18.91
CA SER A 184 -2.41 3.57 19.20
C SER A 184 -2.89 4.45 20.35
N PHE A 185 -3.97 5.21 20.18
CA PHE A 185 -4.52 6.10 21.23
C PHE A 185 -5.87 5.55 21.70
N GLU A 186 -5.96 5.25 23.01
CA GLU A 186 -7.22 4.77 23.62
C GLU A 186 -7.94 5.95 24.28
N LEU A 187 -9.26 5.95 24.20
CA LEU A 187 -10.16 6.94 24.87
C LEU A 187 -11.27 6.15 25.56
N LEU A 188 -10.89 5.34 26.54
CA LEU A 188 -11.84 4.49 27.32
C LEU A 188 -12.46 5.28 28.47
N HIS A 189 -13.41 4.67 29.18
CA HIS A 189 -14.11 5.28 30.34
C HIS A 189 -13.24 5.05 31.56
N ALA A 190 -12.19 5.85 31.67
CA ALA A 190 -11.11 5.71 32.69
C ALA A 190 -10.30 7.01 32.69
N PRO A 191 -9.52 7.28 33.75
CA PRO A 191 -8.70 8.49 33.78
C PRO A 191 -7.68 8.54 32.62
N ALA A 192 -7.45 9.75 32.07
CA ALA A 192 -6.33 10.01 31.14
C ALA A 192 -5.03 9.65 31.83
N THR A 193 -4.09 9.00 31.14
CA THR A 193 -2.74 8.65 31.65
CA THR A 193 -2.74 8.72 31.71
C THR A 193 -1.64 9.31 30.81
N VAL A 194 -1.97 9.77 29.62
CA VAL A 194 -0.97 10.40 28.70
C VAL A 194 -1.55 11.71 28.20
N CYS A 195 -0.88 12.82 28.50
CA CYS A 195 -1.29 14.18 28.09
C CYS A 195 -0.10 14.87 27.42
N GLY A 196 -0.37 15.83 26.54
CA GLY A 196 0.66 16.74 26.01
C GLY A 196 1.16 17.70 27.07
N PRO A 197 2.28 18.42 26.82
CA PRO A 197 2.82 19.40 27.78
C PRO A 197 1.83 20.51 28.16
N LYS A 198 1.87 20.97 29.41
CA LYS A 198 1.02 22.08 29.93
C LYS A 198 1.42 23.42 29.29
N GLN B 1 -14.03 1.39 -2.65
CA GLN B 1 -13.24 2.59 -2.26
C GLN B 1 -13.94 3.85 -2.74
N VAL B 2 -13.17 4.89 -3.08
CA VAL B 2 -13.65 6.31 -3.18
C VAL B 2 -13.40 6.80 -4.61
N GLN B 3 -14.42 7.36 -5.28
CA GLN B 3 -14.30 8.08 -6.58
C GLN B 3 -14.44 9.58 -6.31
N LEU B 4 -13.72 10.41 -7.05
CA LEU B 4 -13.67 11.89 -6.87
C LEU B 4 -13.95 12.54 -8.22
N VAL B 5 -14.92 13.46 -8.25
CA VAL B 5 -15.41 14.14 -9.49
C VAL B 5 -15.33 15.65 -9.27
N GLU B 6 -14.38 16.33 -9.92
CA GLU B 6 -14.21 17.80 -9.84
C GLU B 6 -15.23 18.48 -10.76
N SER B 7 -15.51 19.76 -10.50
CA SER B 7 -16.38 20.63 -11.33
C SER B 7 -16.20 22.08 -10.90
N GLY B 8 -16.72 23.03 -11.69
CA GLY B 8 -16.76 24.47 -11.37
C GLY B 8 -15.53 25.21 -11.87
N GLY B 9 -14.63 24.53 -12.59
CA GLY B 9 -13.44 25.15 -13.18
C GLY B 9 -13.77 25.85 -14.48
N GLY B 10 -12.77 26.08 -15.32
CA GLY B 10 -12.94 26.69 -16.65
C GLY B 10 -12.26 28.04 -16.72
N LEU B 11 -12.79 28.89 -17.59
CA LEU B 11 -12.21 30.19 -18.03
C LEU B 11 -12.67 31.29 -17.09
N VAL B 12 -11.76 32.16 -16.66
CA VAL B 12 -12.10 33.36 -15.82
C VAL B 12 -11.05 34.44 -16.07
N GLN B 13 -11.45 35.71 -15.94
CA GLN B 13 -10.55 36.86 -16.14
C GLN B 13 -9.75 37.10 -14.86
N ALA B 14 -8.50 37.52 -15.01
CA ALA B 14 -7.63 38.01 -13.91
C ALA B 14 -8.48 38.90 -13.00
N GLY B 15 -8.46 38.62 -11.69
CA GLY B 15 -9.21 39.38 -10.66
C GLY B 15 -10.50 38.69 -10.26
N GLY B 16 -10.98 37.75 -11.08
CA GLY B 16 -12.28 37.08 -10.92
C GLY B 16 -12.24 35.95 -9.90
N SER B 17 -13.38 35.28 -9.73
CA SER B 17 -13.61 34.21 -8.72
C SER B 17 -14.10 32.95 -9.41
N LEU B 18 -13.73 31.79 -8.86
CA LEU B 18 -14.30 30.47 -9.20
C LEU B 18 -14.53 29.67 -7.92
N ARG B 19 -15.37 28.67 -8.02
CA ARG B 19 -15.66 27.75 -6.88
C ARG B 19 -15.60 26.33 -7.42
N LEU B 20 -14.55 25.61 -7.08
CA LEU B 20 -14.40 24.18 -7.46
C LEU B 20 -15.20 23.37 -6.43
N ALA B 21 -15.83 22.30 -6.90
CA ALA B 21 -16.49 21.28 -6.05
C ALA B 21 -15.92 19.92 -6.42
N CYS B 22 -15.76 19.06 -5.42
CA CYS B 22 -15.40 17.64 -5.61
C CYS B 22 -16.36 16.79 -4.76
N ILE B 23 -17.12 15.91 -5.40
CA ILE B 23 -18.01 14.94 -4.71
C ILE B 23 -17.24 13.63 -4.56
N ALA B 24 -17.12 13.16 -3.32
CA ALA B 24 -16.46 11.90 -2.91
C ALA B 24 -17.54 10.87 -2.59
N SER B 25 -17.41 9.66 -3.13
CA SER B 25 -18.48 8.63 -3.19
C SER B 25 -17.91 7.25 -2.86
N GLY B 26 -18.65 6.42 -2.13
CA GLY B 26 -18.31 4.99 -1.93
C GLY B 26 -17.91 4.62 -0.50
N ARG B 27 -17.56 5.59 0.35
CA ARG B 27 -17.16 5.38 1.77
C ARG B 27 -17.65 6.57 2.60
N THR B 28 -17.76 6.42 3.92
CA THR B 28 -18.22 7.51 4.85
C THR B 28 -17.34 8.74 4.63
N PHE B 29 -17.91 9.82 4.10
CA PHE B 29 -17.16 11.02 3.64
C PHE B 29 -16.40 11.65 4.80
N HIS B 30 -17.00 11.72 5.99
CA HIS B 30 -16.35 12.35 7.17
C HIS B 30 -15.21 11.46 7.68
N SER B 31 -14.98 10.28 7.09
CA SER B 31 -13.76 9.46 7.37
C SER B 31 -12.56 9.94 6.55
N TYR B 32 -12.73 10.89 5.61
CA TYR B 32 -11.66 11.29 4.65
C TYR B 32 -11.22 12.75 4.86
N VAL B 33 -9.90 12.94 4.86
CA VAL B 33 -9.23 14.26 4.69
C VAL B 33 -9.27 14.57 3.20
N MET B 34 -9.79 15.74 2.83
CA MET B 34 -9.96 16.18 1.44
C MET B 34 -8.93 17.28 1.13
N ALA B 35 -8.40 17.27 -0.09
CA ALA B 35 -7.36 18.23 -0.49
C ALA B 35 -7.54 18.64 -1.95
N TRP B 36 -6.95 19.79 -2.30
CA TRP B 36 -6.79 20.29 -3.67
C TRP B 36 -5.31 20.42 -3.96
N PHE B 37 -4.89 19.90 -5.10
CA PHE B 37 -3.55 20.10 -5.69
C PHE B 37 -3.74 20.75 -7.05
N ARG B 38 -2.67 21.29 -7.62
CA ARG B 38 -2.74 21.90 -8.96
C ARG B 38 -1.42 21.61 -9.67
N GLN B 39 -1.50 21.41 -10.98
CA GLN B 39 -0.34 21.03 -11.82
C GLN B 39 -0.35 21.93 -13.07
N ALA B 40 0.63 22.83 -13.15
CA ALA B 40 0.94 23.65 -14.34
C ALA B 40 1.76 22.81 -15.33
N PRO B 41 1.74 23.15 -16.64
CA PRO B 41 2.55 22.48 -17.66
C PRO B 41 4.02 22.22 -17.26
N GLY B 42 4.46 20.96 -17.36
CA GLY B 42 5.84 20.53 -17.08
C GLY B 42 6.23 20.64 -15.60
N LYS B 43 5.30 20.99 -14.72
CA LYS B 43 5.54 21.17 -13.26
C LYS B 43 5.03 19.95 -12.49
N GLU B 44 5.43 19.82 -11.22
CA GLU B 44 4.90 18.79 -10.28
C GLU B 44 3.57 19.27 -9.72
N ARG B 45 2.74 18.33 -9.24
CA ARG B 45 1.50 18.62 -8.50
C ARG B 45 1.88 19.44 -7.27
N GLU B 46 1.36 20.66 -7.17
CA GLU B 46 1.63 21.61 -6.07
C GLU B 46 0.43 21.63 -5.12
N PHE B 47 0.67 21.56 -3.81
CA PHE B 47 -0.38 21.63 -2.78
C PHE B 47 -1.12 22.98 -2.83
N VAL B 48 -2.44 22.94 -2.76
CA VAL B 48 -3.30 24.17 -2.74
C VAL B 48 -3.96 24.30 -1.35
N ALA B 49 -4.70 23.29 -0.91
CA ALA B 49 -5.48 23.35 0.36
C ALA B 49 -5.86 21.95 0.81
N ALA B 50 -6.07 21.77 2.11
CA ALA B 50 -6.62 20.52 2.68
C ALA B 50 -7.54 20.86 3.86
N ILE B 51 -8.45 19.94 4.16
CA ILE B 51 -9.44 20.10 5.26
C ILE B 51 -9.65 18.74 5.94
N SER B 52 -9.46 18.71 7.26
CA SER B 52 -9.57 17.53 8.14
C SER B 52 -11.04 17.13 8.24
N TRP B 53 -11.28 15.93 8.78
CA TRP B 53 -12.60 15.24 8.86
C TRP B 53 -13.69 16.21 9.31
N SER B 54 -13.44 16.92 10.41
CA SER B 54 -14.42 17.72 11.16
C SER B 54 -14.62 19.10 10.52
N SER B 55 -13.82 19.44 9.50
CA SER B 55 -13.68 20.78 8.86
C SER B 55 -12.54 21.59 9.47
N THR B 56 -11.90 21.10 10.54
CA THR B 56 -10.76 21.78 11.18
C THR B 56 -9.72 20.73 11.53
N PRO B 57 -8.40 21.01 11.36
CA PRO B 57 -7.93 22.24 10.72
C PRO B 57 -8.13 22.30 9.20
N THR B 58 -7.86 23.48 8.63
CA THR B 58 -7.65 23.73 7.19
C THR B 58 -6.19 24.13 6.98
N TYR B 59 -5.67 23.83 5.81
CA TYR B 59 -4.27 24.10 5.42
C TYR B 59 -4.28 24.74 4.04
N TYR B 60 -3.33 25.63 3.81
CA TYR B 60 -3.19 26.39 2.54
C TYR B 60 -1.72 26.45 2.12
N GLY B 61 -1.50 26.32 0.81
CA GLY B 61 -0.25 26.67 0.13
C GLY B 61 0.02 28.16 0.31
N GLU B 62 1.29 28.54 0.46
CA GLU B 62 1.69 29.94 0.79
C GLU B 62 1.15 30.89 -0.28
N SER B 63 1.09 30.45 -1.53
CA SER B 63 0.78 31.33 -2.69
C SER B 63 -0.73 31.58 -2.83
N VAL B 64 -1.59 30.94 -2.03
CA VAL B 64 -3.07 31.10 -2.15
C VAL B 64 -3.71 31.55 -0.82
N LYS B 65 -2.93 31.63 0.28
CA LYS B 65 -3.40 32.12 1.60
C LYS B 65 -4.10 33.47 1.42
N GLY B 66 -5.29 33.60 2.01
CA GLY B 66 -6.07 34.86 2.04
C GLY B 66 -6.86 35.07 0.77
N ARG B 67 -6.68 34.21 -0.25
CA ARG B 67 -7.39 34.33 -1.54
C ARG B 67 -8.34 33.14 -1.73
N PHE B 68 -7.94 31.95 -1.28
CA PHE B 68 -8.67 30.68 -1.50
C PHE B 68 -9.23 30.20 -0.15
N THR B 69 -10.43 29.62 -0.17
CA THR B 69 -11.08 29.03 1.03
C THR B 69 -11.56 27.62 0.69
N ILE B 70 -11.08 26.62 1.44
CA ILE B 70 -11.53 25.20 1.39
C ILE B 70 -12.61 25.02 2.45
N SER B 71 -13.68 24.32 2.11
CA SER B 71 -14.81 24.00 3.01
C SER B 71 -15.35 22.63 2.60
N ARG B 72 -16.12 22.00 3.47
CA ARG B 72 -16.73 20.70 3.15
C ARG B 72 -18.15 20.68 3.72
N ASP B 73 -19.03 20.00 3.01
CA ASP B 73 -20.42 19.69 3.44
C ASP B 73 -20.51 18.18 3.63
N ASN B 74 -20.42 17.74 4.90
CA ASN B 74 -20.34 16.31 5.28
C ASN B 74 -21.68 15.64 4.98
N ALA B 75 -22.74 16.41 4.78
CA ALA B 75 -24.10 15.92 4.40
C ALA B 75 -24.22 15.76 2.87
N LYS B 76 -23.35 16.42 2.08
CA LYS B 76 -23.39 16.41 0.59
C LYS B 76 -22.20 15.63 0.02
N ASN B 77 -21.33 15.08 0.86
CA ASN B 77 -20.12 14.35 0.43
C ASN B 77 -19.28 15.23 -0.53
N THR B 78 -19.27 16.54 -0.29
CA THR B 78 -18.64 17.54 -1.20
C THR B 78 -17.57 18.32 -0.44
N VAL B 79 -16.42 18.53 -1.10
CA VAL B 79 -15.41 19.53 -0.67
C VAL B 79 -15.39 20.66 -1.70
N TYR B 80 -15.26 21.91 -1.23
CA TYR B 80 -15.27 23.11 -2.09
C TYR B 80 -13.93 23.83 -2.01
N LEU B 81 -13.53 24.48 -3.09
CA LEU B 81 -12.44 25.48 -3.08
C LEU B 81 -12.98 26.78 -3.68
N GLN B 82 -13.24 27.77 -2.83
CA GLN B 82 -13.56 29.16 -3.22
C GLN B 82 -12.24 29.83 -3.62
N MET B 83 -12.11 30.26 -4.87
CA MET B 83 -10.88 30.91 -5.42
C MET B 83 -11.21 32.35 -5.82
N ASN B 84 -10.77 33.33 -5.03
CA ASN B 84 -10.99 34.78 -5.31
C ASN B 84 -9.69 35.43 -5.78
N ARG B 85 -9.81 36.61 -6.37
CA ARG B 85 -8.69 37.47 -6.85
C ARG B 85 -7.68 36.60 -7.59
N LEU B 86 -8.14 35.89 -8.60
CA LEU B 86 -7.32 34.92 -9.39
C LEU B 86 -6.32 35.69 -10.26
N LYS B 87 -5.10 35.16 -10.38
CA LYS B 87 -4.02 35.69 -11.25
C LYS B 87 -3.74 34.67 -12.35
N PRO B 88 -3.09 35.10 -13.45
CA PRO B 88 -2.57 34.18 -14.46
C PRO B 88 -1.76 33.02 -13.88
N GLU B 89 -0.97 33.27 -12.83
CA GLU B 89 -0.10 32.26 -12.17
C GLU B 89 -0.95 31.14 -11.55
N ASP B 90 -2.27 31.33 -11.40
CA ASP B 90 -3.19 30.29 -10.83
C ASP B 90 -3.66 29.32 -11.93
N THR B 91 -3.40 29.61 -13.21
CA THR B 91 -3.73 28.71 -14.35
C THR B 91 -3.06 27.35 -14.12
N ALA B 92 -3.82 26.26 -14.16
CA ALA B 92 -3.35 24.88 -13.91
C ALA B 92 -4.51 23.89 -13.94
N VAL B 93 -4.18 22.61 -14.01
CA VAL B 93 -5.12 21.48 -13.74
C VAL B 93 -5.25 21.36 -12.23
N TYR B 94 -6.48 21.45 -11.71
CA TYR B 94 -6.77 21.36 -10.25
C TYR B 94 -7.30 19.97 -9.96
N PHE B 95 -6.64 19.28 -9.02
CA PHE B 95 -6.96 17.89 -8.61
C PHE B 95 -7.51 17.90 -7.19
N CYS B 96 -8.65 17.23 -7.06
CA CYS B 96 -9.21 16.73 -5.79
C CYS B 96 -8.44 15.48 -5.35
N ALA B 97 -8.10 15.40 -4.07
CA ALA B 97 -7.46 14.22 -3.46
C ALA B 97 -8.12 13.91 -2.12
N ALA B 98 -8.04 12.65 -1.69
CA ALA B 98 -8.66 12.17 -0.44
C ALA B 98 -7.77 11.10 0.18
N ASP B 99 -7.79 11.03 1.50
CA ASP B 99 -7.09 9.98 2.28
C ASP B 99 -7.83 9.78 3.59
N ARG B 100 -7.79 8.56 4.16
CA ARG B 100 -8.35 8.32 5.50
C ARG B 100 -7.50 9.03 6.57
N GLY B 101 -6.21 9.26 6.28
CA GLY B 101 -5.29 9.84 7.26
C GLY B 101 -5.08 11.32 7.02
N GLU B 102 -4.81 12.06 8.08
CA GLU B 102 -4.31 13.46 8.06
C GLU B 102 -2.80 13.40 8.25
N SER B 103 -2.04 13.90 7.26
CA SER B 103 -0.56 13.85 7.26
C SER B 103 0.02 15.09 7.95
N TYR B 104 1.09 14.88 8.73
CA TYR B 104 2.01 15.95 9.17
C TYR B 104 2.62 16.64 7.95
N TYR B 105 2.89 15.86 6.90
CA TYR B 105 3.42 16.31 5.59
C TYR B 105 2.28 16.43 4.59
N TYR B 106 1.27 17.25 4.94
CA TYR B 106 0.00 17.40 4.19
C TYR B 106 0.24 17.97 2.79
N THR B 107 1.40 18.56 2.50
CA THR B 107 1.65 19.11 1.15
C THR B 107 2.10 18.00 0.19
N ARG B 108 2.36 16.77 0.68
CA ARG B 108 2.94 15.66 -0.14
C ARG B 108 1.83 14.93 -0.91
N PRO B 109 1.89 14.91 -2.26
CA PRO B 109 0.99 14.08 -3.05
C PRO B 109 0.97 12.60 -2.64
N THR B 110 2.11 12.06 -2.22
CA THR B 110 2.26 10.63 -1.86
C THR B 110 1.47 10.28 -0.59
N GLU B 111 1.03 11.27 0.19
CA GLU B 111 0.23 11.06 1.41
C GLU B 111 -1.27 10.94 1.10
N TYR B 112 -1.70 11.02 -0.16
CA TYR B 112 -3.14 10.94 -0.52
C TYR B 112 -3.35 9.72 -1.43
N GLU B 113 -4.20 8.78 -0.99
CA GLU B 113 -4.44 7.52 -1.74
C GLU B 113 -5.29 7.80 -2.98
N PHE B 114 -6.30 8.68 -2.89
CA PHE B 114 -7.35 8.81 -3.93
C PHE B 114 -7.21 10.16 -4.64
N TRP B 115 -7.38 10.15 -5.97
CA TRP B 115 -7.13 11.31 -6.87
C TRP B 115 -8.24 11.39 -7.92
N GLY B 116 -8.83 12.58 -8.06
CA GLY B 116 -9.67 12.88 -9.23
C GLY B 116 -8.81 12.97 -10.48
N GLN B 117 -9.47 13.13 -11.63
CA GLN B 117 -8.83 13.24 -12.96
C GLN B 117 -8.30 14.66 -13.17
N GLY B 118 -8.79 15.61 -12.38
CA GLY B 118 -8.40 17.03 -12.44
C GLY B 118 -9.33 17.82 -13.35
N THR B 119 -9.40 19.13 -13.15
CA THR B 119 -10.17 20.05 -14.02
C THR B 119 -9.32 21.27 -14.31
N GLN B 120 -9.36 21.76 -15.55
CA GLN B 120 -8.55 22.91 -16.00
C GLN B 120 -9.16 24.19 -15.42
N VAL B 121 -8.29 25.04 -14.87
CA VAL B 121 -8.59 26.46 -14.54
C VAL B 121 -7.62 27.31 -15.35
N THR B 122 -8.16 28.25 -16.14
CA THR B 122 -7.41 29.21 -16.99
C THR B 122 -7.81 30.62 -16.62
N VAL B 123 -6.86 31.39 -16.08
CA VAL B 123 -7.04 32.83 -15.70
C VAL B 123 -6.36 33.67 -16.79
N SER B 124 -7.13 34.30 -17.67
CA SER B 124 -6.64 35.21 -18.74
C SER B 124 -6.44 36.61 -18.15
N SER B 125 -5.70 37.47 -18.84
CA SER B 125 -5.43 38.88 -18.41
C SER B 125 -6.37 39.84 -19.14
N GLN C 1 -8.31 -30.89 -6.93
CA GLN C 1 -9.64 -31.06 -7.62
C GLN C 1 -9.95 -29.83 -8.48
N VAL C 2 -9.42 -28.64 -8.15
CA VAL C 2 -9.42 -27.52 -9.14
C VAL C 2 -8.73 -28.06 -10.40
N GLN C 3 -9.23 -27.72 -11.58
CA GLN C 3 -8.60 -28.12 -12.87
C GLN C 3 -8.37 -26.86 -13.69
N LEU C 4 -7.23 -26.80 -14.39
CA LEU C 4 -6.76 -25.60 -15.13
C LEU C 4 -6.56 -25.97 -16.60
N VAL C 5 -7.09 -25.14 -17.51
CA VAL C 5 -6.89 -25.30 -18.98
C VAL C 5 -6.27 -24.00 -19.51
N GLU C 6 -4.99 -24.05 -19.87
CA GLU C 6 -4.31 -22.94 -20.58
C GLU C 6 -4.79 -22.97 -22.04
N SER C 7 -4.95 -21.80 -22.66
CA SER C 7 -5.18 -21.66 -24.12
C SER C 7 -4.59 -20.32 -24.59
N GLY C 8 -4.62 -20.08 -25.90
CA GLY C 8 -4.21 -18.80 -26.52
C GLY C 8 -2.85 -18.89 -27.19
N GLY C 9 -2.06 -19.92 -26.90
CA GLY C 9 -0.74 -20.15 -27.52
C GLY C 9 -0.85 -20.35 -29.04
N GLY C 10 0.29 -20.29 -29.75
CA GLY C 10 0.36 -20.47 -31.22
C GLY C 10 1.61 -19.83 -31.81
N LEU C 11 1.71 -19.76 -33.14
CA LEU C 11 2.84 -19.15 -33.88
C LEU C 11 2.68 -17.63 -33.90
N VAL C 12 3.72 -16.89 -33.48
CA VAL C 12 3.75 -15.40 -33.57
C VAL C 12 5.16 -14.98 -34.03
N GLN C 13 5.23 -13.89 -34.80
CA GLN C 13 6.52 -13.31 -35.27
C GLN C 13 7.13 -12.53 -34.12
N PRO C 14 8.48 -12.39 -34.08
CA PRO C 14 9.14 -11.56 -33.06
C PRO C 14 8.51 -10.15 -33.07
N GLY C 15 8.32 -9.57 -31.87
CA GLY C 15 7.76 -8.21 -31.69
C GLY C 15 6.25 -8.23 -31.52
N GLY C 16 5.60 -9.36 -31.82
CA GLY C 16 4.14 -9.51 -31.77
C GLY C 16 3.65 -9.76 -30.35
N SER C 17 2.32 -9.82 -30.20
CA SER C 17 1.63 -10.00 -28.89
C SER C 17 0.80 -11.29 -28.92
N LEU C 18 0.43 -11.77 -27.74
CA LEU C 18 -0.41 -12.98 -27.51
C LEU C 18 -0.99 -12.82 -26.13
N THR C 19 -2.23 -13.26 -25.92
CA THR C 19 -2.88 -13.33 -24.60
C THR C 19 -3.19 -14.79 -24.28
N LEU C 20 -2.48 -15.36 -23.31
CA LEU C 20 -2.76 -16.72 -22.77
C LEU C 20 -3.92 -16.59 -21.77
N SER C 21 -4.81 -17.58 -21.75
CA SER C 21 -5.90 -17.70 -20.73
C SER C 21 -5.67 -18.97 -19.93
N CYS C 22 -5.81 -18.89 -18.62
CA CYS C 22 -5.80 -20.05 -17.68
C CYS C 22 -7.18 -20.11 -17.02
N VAL C 23 -8.04 -21.00 -17.52
CA VAL C 23 -9.46 -21.15 -17.06
C VAL C 23 -9.51 -22.30 -16.05
N ALA C 24 -10.03 -22.04 -14.87
CA ALA C 24 -10.14 -23.03 -13.78
C ALA C 24 -11.57 -23.56 -13.75
N SER C 25 -11.72 -24.85 -13.41
CA SER C 25 -13.02 -25.53 -13.21
CA SER C 25 -13.03 -25.52 -13.21
C SER C 25 -13.01 -26.26 -11.86
N GLU C 26 -14.21 -26.66 -11.40
CA GLU C 26 -14.44 -27.52 -10.21
C GLU C 26 -14.22 -26.77 -8.88
N SER C 27 -13.51 -25.64 -8.88
CA SER C 27 -13.25 -24.79 -7.68
C SER C 27 -13.15 -23.32 -8.08
N SER C 28 -13.33 -22.41 -7.12
CA SER C 28 -13.04 -20.97 -7.31
C SER C 28 -11.54 -20.73 -7.11
N LEU C 29 -10.94 -20.00 -8.06
CA LEU C 29 -9.54 -19.51 -7.96
C LEU C 29 -9.48 -18.31 -7.01
N ALA C 30 -10.61 -17.62 -6.81
CA ALA C 30 -10.66 -16.23 -6.29
C ALA C 30 -9.85 -16.07 -5.00
N PRO C 31 -9.88 -17.01 -4.02
CA PRO C 31 -9.13 -16.84 -2.77
C PRO C 31 -7.60 -17.09 -2.84
N TYR C 32 -7.07 -17.49 -4.00
CA TYR C 32 -5.74 -18.15 -4.10
C TYR C 32 -4.82 -17.42 -5.07
N ARG C 33 -3.52 -17.51 -4.79
CA ARG C 33 -2.43 -17.14 -5.73
C ARG C 33 -2.46 -18.09 -6.94
N VAL C 34 -2.13 -17.54 -8.12
CA VAL C 34 -1.98 -18.30 -9.40
C VAL C 34 -0.69 -17.83 -10.05
N ALA C 35 0.03 -18.72 -10.73
CA ALA C 35 1.30 -18.40 -11.40
C ALA C 35 1.29 -18.92 -12.84
N TRP C 36 2.01 -18.23 -13.73
CA TRP C 36 2.43 -18.76 -15.05
C TRP C 36 3.88 -19.27 -14.92
N PHE C 37 4.12 -20.47 -15.44
CA PHE C 37 5.46 -21.06 -15.63
C PHE C 37 5.69 -21.32 -17.12
N ARG C 38 6.93 -21.61 -17.52
CA ARG C 38 7.23 -22.08 -18.90
C ARG C 38 8.41 -23.05 -18.85
N GLN C 39 8.42 -23.97 -19.80
CA GLN C 39 9.45 -25.02 -19.98
C GLN C 39 9.70 -25.18 -21.50
N ALA C 40 10.94 -24.95 -21.94
CA ALA C 40 11.45 -25.33 -23.28
C ALA C 40 12.03 -26.74 -23.16
N PRO C 41 11.92 -27.59 -24.20
CA PRO C 41 12.47 -28.95 -24.12
C PRO C 41 13.98 -28.88 -23.83
N GLY C 42 14.45 -29.71 -22.88
CA GLY C 42 15.87 -29.76 -22.44
C GLY C 42 16.10 -28.96 -21.18
N LYS C 43 15.46 -27.79 -21.06
CA LYS C 43 15.58 -26.85 -19.91
C LYS C 43 14.43 -27.11 -18.93
N GLU C 44 14.71 -27.02 -17.63
CA GLU C 44 13.72 -27.29 -16.53
C GLU C 44 12.65 -26.21 -16.52
N ARG C 45 11.56 -26.45 -15.77
CA ARG C 45 10.48 -25.47 -15.51
C ARG C 45 11.07 -24.21 -14.87
N GLU C 46 10.56 -23.05 -15.24
CA GLU C 46 10.86 -21.75 -14.56
C GLU C 46 9.60 -20.89 -14.47
N GLY C 47 9.48 -20.13 -13.39
CA GLY C 47 8.37 -19.18 -13.16
C GLY C 47 8.42 -18.02 -14.14
N VAL C 48 7.27 -17.60 -14.65
CA VAL C 48 7.14 -16.37 -15.49
C VAL C 48 6.56 -15.26 -14.62
N SER C 49 5.42 -15.52 -13.98
CA SER C 49 4.66 -14.48 -13.25
C SER C 49 3.77 -15.12 -12.17
N CYS C 50 3.44 -14.37 -11.12
CA CYS C 50 2.58 -14.84 -10.01
C CYS C 50 1.65 -13.69 -9.58
N ILE C 51 0.35 -13.96 -9.43
CA ILE C 51 -0.63 -12.97 -8.92
C ILE C 51 -1.24 -13.51 -7.64
N SER C 52 -1.43 -12.63 -6.64
CA SER C 52 -1.91 -12.95 -5.28
C SER C 52 -3.43 -12.72 -5.23
N ARG C 53 -4.07 -13.09 -4.11
CA ARG C 53 -5.54 -13.01 -4.00
C ARG C 53 -6.00 -11.54 -4.01
N ASP C 54 -5.16 -10.59 -3.61
CA ASP C 54 -5.53 -9.15 -3.57
C ASP C 54 -5.34 -8.49 -4.95
N ALA C 55 -4.73 -9.18 -5.92
CA ALA C 55 -4.51 -8.69 -7.30
C ALA C 55 -3.96 -7.26 -7.27
N HIS C 56 -3.00 -6.99 -6.38
CA HIS C 56 -2.36 -5.67 -6.25
C HIS C 56 -1.02 -5.72 -7.01
N PRO C 57 -0.63 -4.65 -7.72
CA PRO C 57 0.67 -4.64 -8.41
C PRO C 57 1.84 -5.03 -7.48
N THR C 58 1.78 -4.69 -6.19
CA THR C 58 2.89 -4.92 -5.21
C THR C 58 2.98 -6.42 -4.83
N SER C 59 1.93 -7.21 -5.03
CA SER C 59 1.92 -8.66 -4.70
C SER C 59 1.89 -9.48 -5.99
N THR C 60 2.10 -8.83 -7.15
CA THR C 60 2.21 -9.47 -8.48
C THR C 60 3.68 -9.46 -8.87
N TYR C 61 4.24 -10.62 -9.25
CA TYR C 61 5.69 -10.78 -9.50
C TYR C 61 5.93 -11.28 -10.92
N TYR C 62 7.08 -10.89 -11.50
CA TYR C 62 7.54 -11.31 -12.85
C TYR C 62 9.03 -11.67 -12.79
N THR C 63 9.43 -12.70 -13.53
CA THR C 63 10.84 -13.09 -13.73
CA THR C 63 10.86 -13.06 -13.67
C THR C 63 11.53 -11.96 -14.51
N ALA C 64 12.83 -11.79 -14.31
CA ALA C 64 13.64 -10.69 -14.89
C ALA C 64 13.41 -10.57 -16.41
N SER C 65 13.30 -11.70 -17.12
CA SER C 65 13.34 -11.73 -18.61
C SER C 65 12.07 -11.13 -19.22
N VAL C 66 10.98 -11.01 -18.46
CA VAL C 66 9.64 -10.61 -19.00
C VAL C 66 9.19 -9.28 -18.42
N LYS C 67 9.86 -8.77 -17.39
CA LYS C 67 9.52 -7.48 -16.74
C LYS C 67 9.46 -6.39 -17.82
N GLY C 68 8.31 -5.70 -17.90
CA GLY C 68 8.04 -4.60 -18.83
C GLY C 68 7.33 -5.07 -20.09
N ARG C 69 7.29 -6.38 -20.34
CA ARG C 69 6.79 -6.95 -21.62
C ARG C 69 5.49 -7.73 -21.37
N PHE C 70 5.41 -8.47 -20.27
CA PHE C 70 4.25 -9.34 -19.91
C PHE C 70 3.48 -8.71 -18.74
N THR C 71 2.16 -8.86 -18.79
CA THR C 71 1.19 -8.43 -17.74
C THR C 71 0.29 -9.61 -17.38
N MET C 72 0.32 -10.04 -16.12
CA MET C 72 -0.61 -11.06 -15.58
C MET C 72 -1.80 -10.33 -14.94
N SER C 73 -3.00 -10.88 -15.07
CA SER C 73 -4.23 -10.27 -14.53
C SER C 73 -5.21 -11.40 -14.21
N ARG C 74 -6.27 -11.11 -13.47
CA ARG C 74 -7.30 -12.12 -13.16
C ARG C 74 -8.68 -11.47 -13.26
N ASP C 75 -9.65 -12.26 -13.70
CA ASP C 75 -11.10 -11.92 -13.74
C ASP C 75 -11.80 -12.99 -12.90
N ASN C 76 -12.08 -12.70 -11.63
CA ASN C 76 -12.62 -13.73 -10.69
C ASN C 76 -14.03 -14.12 -11.15
N ALA C 77 -14.75 -13.24 -11.84
CA ALA C 77 -16.13 -13.49 -12.33
C ALA C 77 -16.10 -14.58 -13.42
N LYS C 78 -15.01 -14.67 -14.18
CA LYS C 78 -14.82 -15.70 -15.25
C LYS C 78 -13.93 -16.84 -14.75
N ASN C 79 -13.47 -16.79 -13.49
CA ASN C 79 -12.58 -17.81 -12.86
C ASN C 79 -11.34 -18.05 -13.74
N THR C 80 -10.76 -16.97 -14.28
CA THR C 80 -9.76 -16.99 -15.38
C THR C 80 -8.63 -16.03 -15.03
N VAL C 81 -7.37 -16.42 -15.24
CA VAL C 81 -6.22 -15.49 -15.19
C VAL C 81 -5.63 -15.40 -16.60
N TYR C 82 -4.97 -14.30 -16.92
CA TYR C 82 -4.42 -14.00 -18.28
C TYR C 82 -2.92 -13.76 -18.15
N LEU C 83 -2.18 -14.08 -19.21
CA LEU C 83 -0.82 -13.53 -19.42
C LEU C 83 -0.82 -12.76 -20.74
N GLN C 84 -0.79 -11.43 -20.64
CA GLN C 84 -0.64 -10.51 -21.78
C GLN C 84 0.85 -10.44 -22.14
N MET C 85 1.21 -10.93 -23.31
CA MET C 85 2.63 -10.98 -23.76
C MET C 85 2.78 -10.03 -24.94
N ASN C 86 3.58 -8.97 -24.78
CA ASN C 86 3.95 -8.00 -25.84
C ASN C 86 5.45 -8.16 -26.12
N SER C 87 5.91 -7.66 -27.28
CA SER C 87 7.34 -7.58 -27.67
C SER C 87 7.97 -8.98 -27.56
N LEU C 88 7.23 -10.01 -27.97
CA LEU C 88 7.68 -11.41 -27.87
C LEU C 88 9.02 -11.58 -28.59
N LYS C 89 9.94 -12.33 -27.96
CA LYS C 89 11.28 -12.69 -28.48
C LYS C 89 11.31 -14.18 -28.80
N PRO C 90 12.18 -14.62 -29.74
CA PRO C 90 12.47 -16.05 -29.90
C PRO C 90 12.68 -16.80 -28.58
N SER C 91 13.38 -16.16 -27.63
CA SER C 91 13.72 -16.71 -26.29
C SER C 91 12.47 -16.93 -25.41
N ASP C 92 11.29 -16.43 -25.80
CA ASP C 92 9.99 -16.64 -25.09
C ASP C 92 9.30 -17.94 -25.53
N THR C 93 9.83 -18.60 -26.56
CA THR C 93 9.32 -19.89 -27.07
C THR C 93 9.36 -20.91 -25.94
N ALA C 94 8.26 -21.64 -25.73
CA ALA C 94 8.09 -22.63 -24.65
C ALA C 94 6.64 -23.13 -24.59
N VAL C 95 6.40 -24.17 -23.80
CA VAL C 95 5.04 -24.54 -23.28
C VAL C 95 4.76 -23.68 -22.05
N TYR C 96 3.63 -22.97 -22.02
CA TYR C 96 3.19 -22.12 -20.88
C TYR C 96 2.15 -22.88 -20.06
N TYR C 97 2.43 -22.98 -18.76
CA TYR C 97 1.59 -23.63 -17.73
C TYR C 97 1.16 -22.60 -16.69
N CYS C 98 -0.08 -22.68 -16.23
CA CYS C 98 -0.54 -22.00 -15.01
C CYS C 98 -0.62 -23.04 -13.89
N ALA C 99 -0.41 -22.58 -12.66
CA ALA C 99 -0.47 -23.40 -11.43
C ALA C 99 -1.09 -22.57 -10.31
N THR C 100 -1.73 -23.25 -9.36
CA THR C 100 -2.28 -22.63 -8.14
C THR C 100 -1.99 -23.55 -6.96
N ASP C 101 -2.23 -23.06 -5.74
CA ASP C 101 -2.15 -23.82 -4.47
C ASP C 101 -3.04 -23.10 -3.48
N LEU C 102 -2.96 -23.46 -2.19
CA LEU C 102 -3.85 -22.92 -1.13
C LEU C 102 -3.30 -21.64 -0.46
N GLY C 103 -2.15 -21.14 -0.92
CA GLY C 103 -1.59 -19.86 -0.43
C GLY C 103 -2.38 -18.68 -0.96
N GLY C 104 -2.50 -17.63 -0.14
CA GLY C 104 -3.13 -16.35 -0.55
C GLY C 104 -2.17 -15.47 -1.33
N TYR C 105 -0.85 -15.62 -1.11
CA TYR C 105 0.15 -14.60 -1.52
C TYR C 105 1.38 -15.23 -2.17
N CYS C 106 1.74 -14.68 -3.32
CA CYS C 106 3.06 -14.83 -3.99
C CYS C 106 4.17 -14.17 -3.16
N SER C 107 5.40 -14.69 -3.26
CA SER C 107 6.64 -13.95 -2.99
C SER C 107 7.50 -14.04 -4.26
N ASP C 108 8.53 -13.22 -4.37
CA ASP C 108 9.41 -13.21 -5.57
C ASP C 108 10.02 -14.61 -5.71
N SER C 109 10.17 -15.33 -4.59
CA SER C 109 10.94 -16.60 -4.41
C SER C 109 10.02 -17.82 -4.31
N ASN C 110 8.72 -17.62 -4.06
CA ASN C 110 7.78 -18.73 -3.77
C ASN C 110 6.48 -18.53 -4.55
N TYR C 111 6.31 -19.29 -5.64
CA TYR C 111 5.09 -19.33 -6.49
C TYR C 111 4.31 -20.60 -6.15
N PRO C 112 2.98 -20.67 -6.42
CA PRO C 112 2.23 -21.89 -6.20
C PRO C 112 2.64 -23.01 -7.16
N ARG C 113 2.65 -24.25 -6.67
CA ARG C 113 3.21 -25.42 -7.41
C ARG C 113 2.42 -26.70 -7.12
N ALA C 114 1.15 -26.61 -6.71
CA ALA C 114 0.33 -27.81 -6.35
C ALA C 114 -0.44 -28.32 -7.58
N TRP C 115 -1.22 -27.47 -8.25
CA TRP C 115 -2.14 -27.91 -9.33
C TRP C 115 -1.83 -27.18 -10.64
N TRP C 116 -1.78 -27.93 -11.75
CA TRP C 116 -1.20 -27.53 -13.06
C TRP C 116 -2.18 -27.79 -14.21
N GLY C 117 -2.21 -26.91 -15.21
CA GLY C 117 -2.80 -27.23 -16.52
C GLY C 117 -1.88 -28.13 -17.35
N GLN C 118 -2.36 -28.56 -18.52
CA GLN C 118 -1.58 -29.40 -19.47
C GLN C 118 -0.61 -28.51 -20.24
N GLY C 119 -0.93 -27.23 -20.40
CA GLY C 119 -0.03 -26.22 -20.98
C GLY C 119 -0.41 -25.87 -22.41
N THR C 120 0.09 -24.74 -22.91
CA THR C 120 -0.16 -24.22 -24.28
C THR C 120 1.20 -23.83 -24.88
N GLN C 121 1.48 -24.27 -26.11
CA GLN C 121 2.75 -24.00 -26.83
C GLN C 121 2.73 -22.56 -27.35
N VAL C 122 3.81 -21.82 -27.08
CA VAL C 122 4.05 -20.45 -27.64
C VAL C 122 5.34 -20.53 -28.46
N THR C 123 5.22 -20.24 -29.76
CA THR C 123 6.36 -20.25 -30.73
C THR C 123 6.51 -18.86 -31.34
N VAL C 124 7.66 -18.22 -31.09
CA VAL C 124 8.02 -16.90 -31.67
C VAL C 124 9.07 -17.15 -32.76
N SER C 125 8.71 -16.99 -34.04
CA SER C 125 9.58 -17.25 -35.23
C SER C 125 8.93 -16.72 -36.51
N SER C 126 9.43 -17.14 -37.68
CA SER C 126 8.76 -16.98 -39.00
C SER C 126 7.83 -18.18 -39.25
#